data_1ZCL
#
_entry.id   1ZCL
#
_cell.length_a   146.681
_cell.length_b   146.681
_cell.length_c   146.681
_cell.angle_alpha   90
_cell.angle_beta   90
_cell.angle_gamma   90
#
_symmetry.space_group_name_H-M   'I 21 3'
#
loop_
_entity.id
_entity.type
_entity.pdbx_description
1 polymer 'protein tyrosine phosphatase 4a1'
2 non-polymer 'SULFATE ION'
#
_entity_poly.entity_id   1
_entity_poly.type   'polypeptide(L)'
_entity_poly.pdbx_seq_one_letter_code
;MGSSHHHHHHSSGLVPRGSHMARMNRPAPVEVTYKNMRFLITHNPTNATLNKFIEELKKYGVTTIVRVCEATYDTTLVEK
EGIHVLDWPFDDGAPPSNQIVDDWLSLVKIKFREEPGCCIAVHSVAGLGRAPVLVALALIEGGMKYEDAVQFIRQKRRGA
FNSKQLLYLEKYRPKMRLRF
;
_entity_poly.pdbx_strand_id   A,B
#
loop_
_chem_comp.id
_chem_comp.type
_chem_comp.name
_chem_comp.formula
SO4 non-polymer 'SULFATE ION' 'O4 S -2'
#
# COMPACT_ATOMS: atom_id res chain seq x y z
N PRO A 29 8.56 10.66 -27.19
CA PRO A 29 9.45 10.80 -26.01
C PRO A 29 8.84 11.75 -24.97
N VAL A 30 8.09 11.19 -24.03
CA VAL A 30 7.44 11.98 -23.00
C VAL A 30 7.97 11.75 -21.60
N GLU A 31 7.83 12.79 -20.80
CA GLU A 31 8.28 12.76 -19.42
C GLU A 31 7.11 13.02 -18.53
N VAL A 32 7.13 12.42 -17.34
CA VAL A 32 6.07 12.60 -16.35
C VAL A 32 6.65 13.26 -15.12
N THR A 33 5.83 13.43 -14.10
CA THR A 33 6.27 14.07 -12.87
C THR A 33 5.28 13.82 -11.74
N TYR A 34 5.81 13.41 -10.61
CA TYR A 34 5.02 13.16 -9.41
C TYR A 34 5.94 13.43 -8.24
N LYS A 35 5.51 14.31 -7.35
CA LYS A 35 6.31 14.66 -6.20
C LYS A 35 7.65 15.22 -6.63
N ASN A 36 8.70 14.48 -6.30
CA ASN A 36 10.06 14.87 -6.59
C ASN A 36 10.63 14.02 -7.72
N MET A 37 9.79 13.17 -8.29
CA MET A 37 10.23 12.31 -9.36
C MET A 37 9.97 12.91 -10.72
N ARG A 38 10.79 12.56 -11.70
CA ARG A 38 10.61 13.05 -13.05
C ARG A 38 11.10 12.01 -14.02
N PHE A 39 10.21 11.16 -14.48
CA PHE A 39 10.57 10.12 -15.42
C PHE A 39 10.38 10.52 -16.85
N LEU A 40 11.25 10.00 -17.70
CA LEU A 40 11.18 10.27 -19.11
C LEU A 40 11.13 8.93 -19.84
N ILE A 41 10.05 8.71 -20.57
CA ILE A 41 9.93 7.48 -21.35
C ILE A 41 10.56 7.79 -22.71
N THR A 42 11.22 6.81 -23.33
CA THR A 42 11.85 7.08 -24.62
C THR A 42 11.72 6.01 -25.70
N HIS A 43 11.97 6.44 -26.93
CA HIS A 43 11.92 5.58 -28.10
C HIS A 43 13.27 4.88 -28.12
N ASN A 44 13.26 3.55 -27.98
CA ASN A 44 14.51 2.80 -28.00
C ASN A 44 15.39 3.28 -29.13
N PRO A 45 16.55 3.85 -28.80
CA PRO A 45 17.47 4.36 -29.81
C PRO A 45 18.03 3.26 -30.70
N THR A 46 18.60 3.68 -31.82
CA THR A 46 19.20 2.77 -32.79
C THR A 46 20.61 2.43 -32.32
N ASN A 47 21.58 2.88 -33.10
CA ASN A 47 22.99 2.71 -32.83
C ASN A 47 23.63 3.87 -33.59
N ALA A 48 22.76 4.61 -34.26
CA ALA A 48 23.13 5.78 -35.07
C ALA A 48 22.42 6.99 -34.44
N THR A 49 21.49 6.70 -33.54
CA THR A 49 20.73 7.74 -32.84
C THR A 49 21.60 8.31 -31.72
N LEU A 50 22.16 7.41 -30.91
CA LEU A 50 23.02 7.73 -29.77
C LEU A 50 23.47 9.17 -29.61
N ASN A 51 24.60 9.53 -30.23
CA ASN A 51 25.17 10.87 -30.14
C ASN A 51 24.16 12.02 -30.01
N LYS A 52 23.00 11.87 -30.66
CA LYS A 52 21.95 12.89 -30.59
C LYS A 52 20.91 12.47 -29.56
N PHE A 53 20.89 11.18 -29.26
CA PHE A 53 19.98 10.62 -28.27
C PHE A 53 20.55 10.95 -26.90
N ILE A 54 21.87 11.09 -26.87
CA ILE A 54 22.54 11.45 -25.63
C ILE A 54 22.52 12.96 -25.53
N GLU A 55 22.54 13.65 -26.66
CA GLU A 55 22.49 15.10 -26.58
C GLU A 55 21.14 15.43 -25.97
N GLU A 56 20.10 14.76 -26.47
CA GLU A 56 18.74 14.95 -25.98
C GLU A 56 18.67 14.64 -24.50
N LEU A 57 19.06 13.43 -24.13
CA LEU A 57 19.07 13.03 -22.73
C LEU A 57 19.84 14.06 -21.92
N LYS A 58 21.10 14.21 -22.28
CA LYS A 58 21.99 15.14 -21.61
C LYS A 58 21.24 16.40 -21.19
N LYS A 59 20.22 16.78 -21.97
CA LYS A 59 19.43 17.98 -21.67
C LYS A 59 18.05 17.69 -21.08
N TYR A 60 18.03 16.77 -20.13
CA TYR A 60 16.81 16.37 -19.43
C TYR A 60 17.22 16.02 -18.01
N GLY A 61 18.49 16.23 -17.70
CA GLY A 61 19.00 15.90 -16.38
C GLY A 61 18.99 14.41 -16.15
N VAL A 62 18.77 13.64 -17.20
CA VAL A 62 18.73 12.19 -17.05
C VAL A 62 20.11 11.66 -16.72
N THR A 63 20.32 11.29 -15.47
CA THR A 63 21.60 10.75 -15.05
C THR A 63 21.51 9.26 -14.97
N THR A 64 20.36 8.70 -15.32
CA THR A 64 20.23 7.26 -15.31
C THR A 64 19.18 6.78 -16.29
N ILE A 65 19.44 5.63 -16.89
CA ILE A 65 18.53 5.06 -17.84
C ILE A 65 18.45 3.57 -17.62
N VAL A 66 17.24 3.11 -17.31
CA VAL A 66 17.01 1.72 -17.05
C VAL A 66 16.42 1.07 -18.28
N ARG A 67 17.21 0.22 -18.94
CA ARG A 67 16.73 -0.47 -20.12
C ARG A 67 15.85 -1.62 -19.68
N VAL A 68 14.67 -1.73 -20.27
CA VAL A 68 13.76 -2.82 -19.90
C VAL A 68 13.61 -3.78 -21.04
N CYS A 69 13.76 -3.28 -22.26
CA CYS A 69 13.64 -4.12 -23.44
C CYS A 69 15.03 -4.62 -23.75
N GLU A 70 15.12 -5.56 -24.69
CA GLU A 70 16.40 -6.11 -25.06
C GLU A 70 17.37 -5.04 -25.56
N ALA A 71 18.59 -5.04 -25.03
CA ALA A 71 19.59 -4.06 -25.44
C ALA A 71 19.95 -4.17 -26.93
N THR A 72 19.94 -3.04 -27.63
CA THR A 72 20.25 -3.03 -29.04
C THR A 72 21.34 -2.03 -29.37
N TYR A 73 22.26 -1.82 -28.45
CA TYR A 73 23.33 -0.88 -28.70
C TYR A 73 24.30 -0.85 -27.54
N ASP A 74 25.46 -0.26 -27.78
CA ASP A 74 26.49 -0.16 -26.75
C ASP A 74 25.95 0.71 -25.62
N THR A 75 26.76 0.88 -24.59
CA THR A 75 26.39 1.70 -23.45
C THR A 75 27.66 2.42 -23.01
N THR A 76 28.73 2.15 -23.72
CA THR A 76 30.04 2.74 -23.44
C THR A 76 29.98 4.22 -23.76
N LEU A 77 29.45 4.51 -24.93
CA LEU A 77 29.32 5.89 -25.38
C LEU A 77 28.42 6.64 -24.42
N VAL A 78 27.47 5.92 -23.83
CA VAL A 78 26.55 6.51 -22.86
C VAL A 78 27.29 6.66 -21.56
N GLU A 79 27.73 5.53 -21.03
CA GLU A 79 28.44 5.55 -19.77
C GLU A 79 29.51 6.62 -19.82
N LYS A 80 30.28 6.64 -20.89
CA LYS A 80 31.34 7.64 -21.01
C LYS A 80 30.76 9.04 -21.06
N GLU A 81 29.47 9.15 -20.79
CA GLU A 81 28.81 10.44 -20.81
C GLU A 81 28.29 10.85 -19.44
N GLY A 82 28.44 9.97 -18.47
CA GLY A 82 27.97 10.28 -17.13
C GLY A 82 26.60 9.70 -16.83
N ILE A 83 25.94 9.23 -17.87
CA ILE A 83 24.61 8.64 -17.71
C ILE A 83 24.78 7.18 -17.31
N HIS A 84 24.27 6.82 -16.14
CA HIS A 84 24.38 5.45 -15.70
C HIS A 84 23.33 4.59 -16.37
N VAL A 85 23.79 3.54 -17.02
CA VAL A 85 22.91 2.63 -17.72
C VAL A 85 22.74 1.30 -17.04
N LEU A 86 21.57 1.11 -16.45
CA LEU A 86 21.23 -0.13 -15.79
C LEU A 86 20.24 -0.74 -16.74
N ASP A 87 20.46 -1.99 -17.10
CA ASP A 87 19.54 -2.64 -18.03
C ASP A 87 19.14 -3.99 -17.46
N TRP A 88 17.84 -4.16 -17.30
CA TRP A 88 17.30 -5.39 -16.74
C TRP A 88 16.19 -5.93 -17.64
N PRO A 89 16.46 -6.04 -18.95
CA PRO A 89 15.45 -6.54 -19.88
C PRO A 89 14.61 -7.72 -19.36
N PHE A 90 13.39 -7.84 -19.86
CA PHE A 90 12.51 -8.93 -19.47
C PHE A 90 11.41 -9.16 -20.50
N ASP A 91 11.02 -10.43 -20.63
CA ASP A 91 10.00 -10.86 -21.59
C ASP A 91 8.79 -9.96 -21.75
N ASP A 92 8.71 -9.30 -22.89
CA ASP A 92 7.60 -8.42 -23.21
C ASP A 92 6.28 -9.20 -23.24
N GLY A 93 5.55 -9.14 -22.14
CA GLY A 93 4.29 -9.85 -22.05
C GLY A 93 4.31 -10.56 -20.70
N ALA A 94 5.50 -10.62 -20.12
CA ALA A 94 5.70 -11.26 -18.84
C ALA A 94 5.74 -10.17 -17.77
N PRO A 95 4.94 -10.32 -16.70
CA PRO A 95 4.99 -9.27 -15.68
C PRO A 95 6.46 -8.99 -15.33
N PRO A 96 6.83 -7.71 -15.29
CA PRO A 96 8.19 -7.24 -14.99
C PRO A 96 8.82 -7.84 -13.76
N SER A 97 9.46 -8.98 -13.94
CA SER A 97 10.14 -9.64 -12.84
C SER A 97 9.42 -9.52 -11.51
N ASN A 98 10.17 -9.80 -10.46
CA ASN A 98 9.70 -9.75 -9.09
C ASN A 98 10.85 -9.03 -8.39
N GLN A 99 12.05 -9.35 -8.84
CA GLN A 99 13.27 -8.77 -8.31
C GLN A 99 13.38 -7.36 -8.87
N ILE A 100 13.38 -7.26 -10.19
CA ILE A 100 13.48 -5.98 -10.86
C ILE A 100 12.68 -4.91 -10.14
N VAL A 101 11.46 -5.27 -9.76
CA VAL A 101 10.59 -4.36 -9.06
C VAL A 101 11.35 -3.65 -7.93
N ASP A 102 12.07 -4.44 -7.16
CA ASP A 102 12.83 -3.92 -6.02
C ASP A 102 14.04 -3.07 -6.38
N ASP A 103 14.69 -3.36 -7.50
CA ASP A 103 15.84 -2.56 -7.89
C ASP A 103 15.36 -1.20 -8.35
N TRP A 104 14.22 -1.21 -9.02
CA TRP A 104 13.58 -0.01 -9.51
C TRP A 104 13.25 0.82 -8.27
N LEU A 105 12.35 0.27 -7.46
CA LEU A 105 11.94 0.91 -6.22
C LEU A 105 13.17 1.39 -5.45
N SER A 106 14.11 0.49 -5.18
CA SER A 106 15.32 0.86 -4.46
C SER A 106 16.09 1.97 -5.16
N LEU A 107 16.09 1.95 -6.49
CA LEU A 107 16.80 2.98 -7.24
C LEU A 107 16.05 4.29 -7.11
N VAL A 108 14.75 4.24 -7.42
CA VAL A 108 13.87 5.40 -7.38
C VAL A 108 13.85 6.08 -6.04
N LYS A 109 13.76 5.27 -5.00
CA LYS A 109 13.73 5.81 -3.66
C LYS A 109 14.83 6.86 -3.58
N ILE A 110 16.05 6.43 -3.89
CA ILE A 110 17.24 7.28 -3.82
C ILE A 110 17.40 8.43 -4.79
N LYS A 111 18.07 8.18 -5.91
CA LYS A 111 18.36 9.21 -6.92
C LYS A 111 17.63 10.55 -6.81
N PHE A 112 16.31 10.54 -6.90
CA PHE A 112 15.52 11.76 -6.81
C PHE A 112 15.79 12.55 -5.55
N ARG A 113 16.48 11.92 -4.61
CA ARG A 113 16.89 12.57 -3.37
C ARG A 113 18.39 12.88 -3.54
N GLU A 114 19.12 11.93 -4.11
CA GLU A 114 20.56 12.09 -4.34
C GLU A 114 20.80 13.34 -5.17
N GLU A 115 20.23 13.40 -6.36
CA GLU A 115 20.37 14.57 -7.22
C GLU A 115 18.97 15.11 -7.39
N PRO A 116 18.63 16.20 -6.70
CA PRO A 116 17.28 16.75 -6.84
C PRO A 116 17.03 17.28 -8.22
N GLY A 117 15.82 17.07 -8.73
CA GLY A 117 15.46 17.55 -10.05
C GLY A 117 16.25 16.90 -11.16
N CYS A 118 16.58 15.62 -11.01
CA CYS A 118 17.32 14.92 -12.03
C CYS A 118 16.29 14.18 -12.89
N CYS A 119 16.58 12.95 -13.27
CA CYS A 119 15.61 12.22 -14.08
C CYS A 119 16.07 10.81 -14.46
N ILE A 120 15.12 9.89 -14.58
CA ILE A 120 15.41 8.52 -14.95
C ILE A 120 14.68 8.21 -16.24
N ALA A 121 15.42 7.90 -17.28
CA ALA A 121 14.78 7.58 -18.54
C ALA A 121 14.60 6.09 -18.58
N VAL A 122 13.37 5.64 -18.67
CA VAL A 122 13.11 4.22 -18.76
C VAL A 122 12.67 4.01 -20.18
N HIS A 123 13.30 3.08 -20.89
CA HIS A 123 12.88 2.84 -22.26
C HIS A 123 12.88 1.38 -22.65
N SER A 124 11.89 1.05 -23.47
CA SER A 124 11.70 -0.28 -23.98
C SER A 124 11.53 0.00 -25.46
N VAL A 125 11.38 -1.05 -26.26
CA VAL A 125 11.21 -0.86 -27.69
C VAL A 125 10.05 0.07 -28.00
N ALA A 126 8.85 -0.34 -27.63
CA ALA A 126 7.68 0.46 -27.90
C ALA A 126 7.48 1.59 -26.90
N GLY A 127 7.82 1.35 -25.64
CA GLY A 127 7.64 2.40 -24.65
C GLY A 127 6.18 2.70 -24.36
N LEU A 128 5.31 1.73 -24.62
CA LEU A 128 3.89 1.88 -24.31
C LEU A 128 3.51 0.68 -23.47
N GLY A 129 4.50 -0.15 -23.17
CA GLY A 129 4.29 -1.35 -22.37
C GLY A 129 5.11 -1.38 -21.10
N ARG A 130 6.20 -2.13 -21.13
CA ARG A 130 7.06 -2.27 -19.96
C ARG A 130 7.55 -0.95 -19.39
N ALA A 131 8.01 -0.05 -20.24
CA ALA A 131 8.51 1.25 -19.80
C ALA A 131 7.49 1.94 -18.88
N PRO A 132 6.23 2.01 -19.30
CA PRO A 132 5.19 2.66 -18.50
C PRO A 132 4.97 1.91 -17.19
N VAL A 133 4.83 0.60 -17.27
CA VAL A 133 4.64 -0.19 -16.08
C VAL A 133 5.63 0.28 -15.01
N LEU A 134 6.92 0.13 -15.29
CA LEU A 134 7.96 0.54 -14.37
C LEU A 134 7.59 1.88 -13.76
N VAL A 135 7.38 2.86 -14.61
CA VAL A 135 7.04 4.20 -14.15
C VAL A 135 5.75 4.17 -13.35
N ALA A 136 4.73 3.56 -13.93
CA ALA A 136 3.43 3.46 -13.30
C ALA A 136 3.57 2.85 -11.94
N LEU A 137 4.68 2.15 -11.70
CA LEU A 137 4.89 1.53 -10.39
C LEU A 137 5.30 2.58 -9.38
N ALA A 138 6.47 3.15 -9.56
CA ALA A 138 6.93 4.18 -8.66
C ALA A 138 5.77 5.14 -8.30
N LEU A 139 4.91 5.43 -9.28
CA LEU A 139 3.79 6.33 -9.00
C LEU A 139 2.75 5.73 -8.07
N ILE A 140 2.75 4.41 -7.96
CA ILE A 140 1.82 3.71 -7.09
C ILE A 140 2.52 3.62 -5.76
N GLU A 141 3.58 2.84 -5.76
CA GLU A 141 4.41 2.61 -4.60
C GLU A 141 4.63 3.92 -3.84
N GLY A 142 4.64 5.04 -4.55
CA GLY A 142 4.85 6.32 -3.91
C GLY A 142 3.54 7.04 -3.66
N GLY A 143 2.47 6.27 -3.52
CA GLY A 143 1.15 6.84 -3.29
C GLY A 143 0.38 6.78 -4.59
N MET A 144 -0.87 7.24 -4.59
CA MET A 144 -1.68 7.22 -5.81
C MET A 144 -2.24 5.83 -6.14
N LYS A 145 -3.55 5.73 -6.25
CA LYS A 145 -4.19 4.45 -6.58
C LYS A 145 -3.70 4.12 -7.98
N TYR A 146 -3.82 2.86 -8.40
CA TYR A 146 -3.34 2.51 -9.73
C TYR A 146 -4.14 3.18 -10.85
N GLU A 147 -5.45 3.34 -10.65
CA GLU A 147 -6.29 3.99 -11.65
C GLU A 147 -5.74 5.39 -11.87
N ASP A 148 -5.48 6.10 -10.78
CA ASP A 148 -4.96 7.44 -10.87
C ASP A 148 -3.64 7.46 -11.63
N ALA A 149 -2.91 6.36 -11.56
CA ALA A 149 -1.61 6.25 -12.22
C ALA A 149 -1.70 5.87 -13.68
N VAL A 150 -2.70 5.07 -14.03
CA VAL A 150 -2.89 4.69 -15.43
C VAL A 150 -3.40 5.90 -16.20
N GLN A 151 -4.37 6.58 -15.62
CA GLN A 151 -4.91 7.79 -16.23
C GLN A 151 -3.78 8.77 -16.38
N PHE A 152 -3.01 8.95 -15.31
CA PHE A 152 -1.92 9.92 -15.36
C PHE A 152 -0.93 9.67 -16.46
N ILE A 153 -0.54 8.41 -16.66
CA ILE A 153 0.42 8.08 -17.72
C ILE A 153 -0.22 8.21 -19.11
N ARG A 154 -1.44 7.68 -19.27
CA ARG A 154 -2.16 7.75 -20.55
C ARG A 154 -2.44 9.18 -20.96
N GLN A 155 -2.47 10.04 -19.96
CA GLN A 155 -2.68 11.46 -20.16
C GLN A 155 -1.53 11.95 -21.03
N LYS A 156 -0.36 11.34 -20.84
CA LYS A 156 0.84 11.72 -21.56
C LYS A 156 1.45 10.64 -22.48
N ARG A 157 0.71 9.56 -22.72
CA ARG A 157 1.21 8.47 -23.57
C ARG A 157 0.00 7.70 -24.05
N ARG A 158 -0.99 8.43 -24.52
CA ARG A 158 -2.23 7.88 -25.03
C ARG A 158 -2.06 6.49 -25.60
N GLY A 159 -2.91 5.56 -25.16
CA GLY A 159 -2.84 4.19 -25.65
C GLY A 159 -1.94 3.29 -24.84
N ALA A 160 -1.04 3.88 -24.05
CA ALA A 160 -0.13 3.11 -23.23
C ALA A 160 -0.89 2.13 -22.33
N PHE A 161 -0.34 0.93 -22.17
CA PHE A 161 -0.93 -0.14 -21.34
C PHE A 161 -1.95 -0.99 -22.06
N ASN A 162 -1.88 -2.30 -21.82
CA ASN A 162 -2.82 -3.24 -22.44
C ASN A 162 -3.52 -4.08 -21.38
N SER A 163 -4.54 -4.81 -21.80
CA SER A 163 -5.33 -5.67 -20.94
C SER A 163 -4.48 -6.37 -19.89
N LYS A 164 -3.44 -7.06 -20.31
CA LYS A 164 -2.59 -7.77 -19.37
C LYS A 164 -1.92 -6.83 -18.39
N GLN A 165 -1.10 -5.92 -18.91
CA GLN A 165 -0.40 -4.96 -18.10
C GLN A 165 -1.34 -4.41 -17.02
N LEU A 166 -2.45 -3.81 -17.43
CA LEU A 166 -3.43 -3.28 -16.49
C LEU A 166 -3.75 -4.31 -15.43
N LEU A 167 -4.29 -5.44 -15.86
CA LEU A 167 -4.63 -6.52 -14.95
C LEU A 167 -3.54 -6.67 -13.89
N TYR A 168 -2.29 -6.63 -14.34
CA TYR A 168 -1.15 -6.78 -13.44
C TYR A 168 -0.97 -5.62 -12.48
N LEU A 169 -1.18 -4.40 -12.96
CA LEU A 169 -1.03 -3.27 -12.06
C LEU A 169 -2.11 -3.42 -11.01
N GLU A 170 -3.35 -3.60 -11.44
CA GLU A 170 -4.43 -3.75 -10.49
C GLU A 170 -4.03 -4.71 -9.39
N LYS A 171 -3.44 -5.85 -9.78
CA LYS A 171 -3.05 -6.84 -8.81
C LYS A 171 -1.77 -6.55 -8.03
N TYR A 172 -1.06 -5.50 -8.43
CA TYR A 172 0.17 -5.13 -7.73
C TYR A 172 -0.21 -4.69 -6.32
N ARG A 173 0.61 -5.04 -5.34
CA ARG A 173 0.36 -4.67 -3.96
C ARG A 173 1.56 -3.92 -3.46
N PRO A 174 1.43 -2.60 -3.26
CA PRO A 174 2.53 -1.75 -2.79
C PRO A 174 2.90 -1.94 -1.34
N LYS A 175 4.16 -1.67 -1.02
CA LYS A 175 4.63 -1.74 0.34
C LYS A 175 4.25 -0.39 0.92
N MET A 176 4.32 0.63 0.06
CA MET A 176 4.01 2.02 0.40
C MET A 176 4.98 2.53 1.44
N ARG A 177 6.23 2.09 1.36
CA ARG A 177 7.20 2.54 2.33
C ARG A 177 7.89 3.82 1.90
N LEU A 178 7.29 4.53 0.95
CA LEU A 178 7.90 5.76 0.48
C LEU A 178 7.42 7.03 1.17
N ARG A 179 8.34 7.71 1.86
CA ARG A 179 8.04 8.97 2.53
C ARG A 179 8.71 10.10 1.74
N PHE A 180 7.96 11.18 1.53
CA PHE A 180 8.47 12.33 0.81
C PHE A 180 8.44 13.52 1.74
N PRO B 29 -11.08 0.25 28.08
CA PRO B 29 -12.32 0.83 27.53
C PRO B 29 -12.07 2.13 26.76
N VAL B 30 -11.34 2.04 25.65
CA VAL B 30 -10.99 3.19 24.83
C VAL B 30 -11.65 3.15 23.47
N GLU B 31 -11.27 4.11 22.63
CA GLU B 31 -11.79 4.16 21.27
C GLU B 31 -10.91 5.00 20.37
N VAL B 32 -10.73 4.54 19.15
CA VAL B 32 -9.94 5.25 18.18
C VAL B 32 -10.89 5.49 17.02
N THR B 33 -10.88 6.69 16.48
CA THR B 33 -11.77 6.99 15.36
C THR B 33 -10.91 7.65 14.33
N TYR B 34 -11.19 7.34 13.07
CA TYR B 34 -10.44 7.86 11.94
C TYR B 34 -11.35 7.95 10.71
N LYS B 35 -11.34 9.11 10.07
CA LYS B 35 -12.16 9.32 8.89
C LYS B 35 -13.59 8.87 9.19
N ASN B 36 -14.06 7.88 8.44
CA ASN B 36 -15.42 7.37 8.62
C ASN B 36 -15.48 6.20 9.61
N MET B 37 -14.32 5.78 10.09
CA MET B 37 -14.23 4.67 11.03
C MET B 37 -14.15 5.09 12.50
N ARG B 38 -14.83 4.34 13.36
CA ARG B 38 -14.79 4.60 14.78
C ARG B 38 -14.79 3.23 15.46
N PHE B 39 -13.67 2.87 16.06
CA PHE B 39 -13.60 1.57 16.70
C PHE B 39 -13.65 1.68 18.22
N LEU B 40 -13.82 0.53 18.88
CA LEU B 40 -13.84 0.50 20.32
C LEU B 40 -13.09 -0.76 20.77
N ILE B 41 -12.13 -0.58 21.67
CA ILE B 41 -11.35 -1.70 22.15
C ILE B 41 -11.76 -2.11 23.55
N THR B 42 -11.68 -3.40 23.84
CA THR B 42 -12.03 -3.89 25.17
C THR B 42 -11.22 -5.10 25.55
N HIS B 43 -11.50 -5.63 26.74
CA HIS B 43 -10.82 -6.79 27.28
C HIS B 43 -11.89 -7.80 27.57
N ASN B 44 -11.70 -9.01 27.06
CA ASN B 44 -12.65 -10.11 27.23
C ASN B 44 -13.50 -9.94 28.49
N PRO B 45 -14.72 -9.42 28.31
CA PRO B 45 -15.73 -9.15 29.33
C PRO B 45 -16.01 -10.28 30.30
N THR B 46 -16.28 -9.89 31.55
CA THR B 46 -16.58 -10.83 32.61
C THR B 46 -18.05 -11.24 32.56
N ASN B 47 -18.28 -12.56 32.49
CA ASN B 47 -19.59 -13.18 32.41
C ASN B 47 -20.74 -12.45 33.11
N ALA B 48 -20.50 -11.99 34.33
CA ALA B 48 -21.51 -11.29 35.13
C ALA B 48 -21.85 -9.87 34.68
N THR B 49 -20.81 -9.10 34.38
CA THR B 49 -20.92 -7.70 33.95
C THR B 49 -21.57 -7.53 32.57
N LEU B 50 -21.86 -8.64 31.91
CA LEU B 50 -22.45 -8.59 30.59
C LEU B 50 -23.72 -7.76 30.45
N ASN B 51 -24.24 -7.23 31.55
CA ASN B 51 -25.44 -6.43 31.40
C ASN B 51 -25.15 -4.96 31.13
N LYS B 52 -24.19 -4.40 31.86
CA LYS B 52 -23.84 -3.01 31.61
C LYS B 52 -22.87 -3.00 30.45
N PHE B 53 -22.20 -4.13 30.24
CA PHE B 53 -21.28 -4.20 29.11
C PHE B 53 -22.09 -3.94 27.84
N ILE B 54 -23.16 -4.69 27.67
CA ILE B 54 -24.00 -4.48 26.50
C ILE B 54 -24.41 -3.04 26.58
N GLU B 55 -25.00 -2.69 27.72
CA GLU B 55 -25.48 -1.33 27.97
C GLU B 55 -24.50 -0.27 27.52
N GLU B 56 -23.27 -0.35 28.04
CA GLU B 56 -22.26 0.62 27.66
C GLU B 56 -22.00 0.56 26.17
N LEU B 57 -21.70 -0.63 25.65
CA LEU B 57 -21.46 -0.82 24.22
C LEU B 57 -22.53 -0.09 23.42
N LYS B 58 -23.78 -0.49 23.63
CA LYS B 58 -24.91 0.09 22.93
C LYS B 58 -24.96 1.62 23.09
N LYS B 59 -24.23 2.14 24.06
CA LYS B 59 -24.19 3.59 24.27
C LYS B 59 -23.25 4.21 23.26
N TYR B 60 -22.11 3.56 23.04
CA TYR B 60 -21.13 4.03 22.07
C TYR B 60 -21.67 3.70 20.68
N GLY B 61 -22.68 2.86 20.64
CA GLY B 61 -23.27 2.47 19.38
C GLY B 61 -22.41 1.48 18.62
N VAL B 62 -22.11 0.34 19.22
CA VAL B 62 -21.32 -0.63 18.48
C VAL B 62 -22.32 -1.56 17.83
N THR B 63 -22.28 -1.61 16.49
CA THR B 63 -23.19 -2.44 15.71
C THR B 63 -22.71 -3.86 15.65
N THR B 64 -21.41 -3.98 15.45
CA THR B 64 -20.80 -5.26 15.34
C THR B 64 -19.68 -5.34 16.34
N ILE B 65 -19.41 -6.53 16.85
CA ILE B 65 -18.35 -6.72 17.81
C ILE B 65 -17.51 -7.92 17.34
N VAL B 66 -16.23 -7.68 17.10
CA VAL B 66 -15.31 -8.71 16.63
C VAL B 66 -14.42 -9.26 17.72
N ARG B 67 -14.75 -10.45 18.20
CA ARG B 67 -14.00 -11.13 19.24
C ARG B 67 -12.87 -11.90 18.56
N VAL B 68 -11.63 -11.57 18.89
CA VAL B 68 -10.50 -12.26 18.26
C VAL B 68 -9.85 -13.31 19.15
N CYS B 69 -10.20 -13.27 20.43
CA CYS B 69 -9.65 -14.21 21.41
C CYS B 69 -10.66 -15.33 21.62
N GLU B 70 -10.80 -15.83 22.85
CA GLU B 70 -11.75 -16.89 23.13
C GLU B 70 -13.04 -16.47 23.81
N ALA B 71 -14.16 -16.96 23.31
CA ALA B 71 -15.48 -16.64 23.88
C ALA B 71 -15.52 -17.03 25.35
N THR B 72 -16.08 -16.15 26.18
CA THR B 72 -16.21 -16.43 27.60
C THR B 72 -17.47 -15.79 28.10
N TYR B 73 -18.47 -15.72 27.22
CA TYR B 73 -19.73 -15.14 27.58
C TYR B 73 -20.78 -15.43 26.50
N ASP B 74 -22.03 -15.49 26.93
CA ASP B 74 -23.14 -15.82 26.05
C ASP B 74 -23.65 -14.68 25.17
N THR B 75 -23.21 -14.69 23.92
CA THR B 75 -23.60 -13.71 22.93
C THR B 75 -25.10 -13.57 22.71
N THR B 76 -25.83 -14.67 22.87
CA THR B 76 -27.27 -14.61 22.65
C THR B 76 -27.90 -13.45 23.39
N LEU B 77 -27.25 -13.02 24.47
CA LEU B 77 -27.75 -11.87 25.22
C LEU B 77 -27.32 -10.58 24.54
N VAL B 78 -26.20 -10.66 23.83
CA VAL B 78 -25.68 -9.53 23.07
C VAL B 78 -26.51 -9.56 21.80
N GLU B 79 -26.20 -10.51 20.93
CA GLU B 79 -26.91 -10.68 19.67
C GLU B 79 -28.34 -10.23 19.85
N LYS B 80 -28.89 -10.51 21.03
CA LYS B 80 -30.26 -10.11 21.34
C LYS B 80 -30.60 -8.82 20.64
N GLU B 81 -29.65 -7.89 20.65
CA GLU B 81 -29.83 -6.59 19.99
C GLU B 81 -28.77 -6.23 18.95
N GLY B 82 -29.05 -6.55 17.69
CA GLY B 82 -28.15 -6.23 16.59
C GLY B 82 -26.64 -6.31 16.73
N ILE B 83 -26.09 -6.27 17.93
CA ILE B 83 -24.66 -6.37 18.03
C ILE B 83 -24.31 -7.79 17.69
N HIS B 84 -23.85 -8.00 16.46
CA HIS B 84 -23.47 -9.34 16.05
C HIS B 84 -22.03 -9.56 16.46
N VAL B 85 -21.73 -10.75 16.97
CA VAL B 85 -20.40 -11.07 17.42
C VAL B 85 -19.63 -11.92 16.41
N LEU B 86 -18.70 -11.28 15.70
CA LEU B 86 -17.91 -12.02 14.73
C LEU B 86 -16.76 -12.72 15.43
N ASP B 87 -16.68 -14.04 15.32
CA ASP B 87 -15.59 -14.76 15.97
C ASP B 87 -14.44 -15.12 15.06
N TRP B 88 -13.40 -14.30 15.08
CA TRP B 88 -12.24 -14.57 14.26
C TRP B 88 -10.98 -14.68 15.13
N PRO B 89 -10.72 -15.86 15.71
CA PRO B 89 -9.54 -16.07 16.55
C PRO B 89 -8.21 -16.04 15.81
N PHE B 90 -7.15 -16.30 16.58
CA PHE B 90 -5.75 -16.42 16.15
C PHE B 90 -4.78 -16.23 17.32
N ASP B 91 -3.77 -17.09 17.35
CA ASP B 91 -2.76 -17.08 18.40
C ASP B 91 -2.23 -15.70 18.68
N ASP B 92 -2.46 -15.21 19.90
CA ASP B 92 -2.01 -13.89 20.29
C ASP B 92 -0.59 -13.55 19.85
N GLY B 93 0.31 -14.53 19.88
CA GLY B 93 1.67 -14.27 19.46
C GLY B 93 1.86 -14.61 18.00
N ALA B 94 0.84 -14.37 17.19
CA ALA B 94 0.91 -14.67 15.77
C ALA B 94 0.26 -13.63 14.89
N PRO B 95 0.58 -13.64 13.59
CA PRO B 95 0.02 -12.68 12.64
C PRO B 95 -1.46 -13.04 12.51
N PRO B 96 -2.29 -12.06 12.14
CA PRO B 96 -3.71 -12.36 12.01
C PRO B 96 -4.12 -13.05 10.71
N SER B 97 -3.21 -13.80 10.12
CA SER B 97 -3.52 -14.55 8.90
C SER B 97 -4.11 -13.73 7.77
N ASN B 98 -3.88 -14.20 6.54
CA ASN B 98 -4.39 -13.52 5.37
C ASN B 98 -5.90 -13.56 5.35
N GLN B 99 -6.48 -14.62 5.92
CA GLN B 99 -7.92 -14.73 5.90
C GLN B 99 -8.67 -13.68 6.71
N ILE B 100 -8.38 -13.59 8.00
CA ILE B 100 -9.05 -12.61 8.84
C ILE B 100 -8.88 -11.18 8.31
N VAL B 101 -7.70 -10.86 7.80
CA VAL B 101 -7.45 -9.53 7.31
C VAL B 101 -8.37 -9.21 6.15
N ASP B 102 -8.51 -10.15 5.22
CA ASP B 102 -9.38 -9.93 4.06
C ASP B 102 -10.85 -9.77 4.49
N ASP B 103 -11.22 -10.39 5.60
CA ASP B 103 -12.58 -10.29 6.11
C ASP B 103 -12.72 -8.99 6.87
N TRP B 104 -11.86 -8.82 7.86
CA TRP B 104 -11.87 -7.61 8.70
C TRP B 104 -11.98 -6.39 7.85
N LEU B 105 -11.04 -6.28 6.91
CA LEU B 105 -11.02 -5.15 6.00
C LEU B 105 -12.39 -4.91 5.36
N SER B 106 -12.86 -5.87 4.55
CA SER B 106 -14.15 -5.73 3.89
C SER B 106 -15.17 -5.26 4.90
N LEU B 107 -15.05 -5.76 6.11
CA LEU B 107 -15.98 -5.40 7.17
C LEU B 107 -16.01 -3.91 7.39
N VAL B 108 -14.83 -3.32 7.58
CA VAL B 108 -14.76 -1.90 7.80
C VAL B 108 -15.37 -1.19 6.59
N LYS B 109 -15.01 -1.65 5.40
CA LYS B 109 -15.53 -1.05 4.18
C LYS B 109 -17.06 -1.05 4.10
N ILE B 110 -17.67 -2.17 4.43
CA ILE B 110 -19.12 -2.30 4.39
C ILE B 110 -19.80 -1.52 5.51
N LYS B 111 -19.94 -2.19 6.65
CA LYS B 111 -20.55 -1.67 7.85
C LYS B 111 -20.56 -0.17 7.95
N PHE B 112 -19.38 0.42 8.08
CA PHE B 112 -19.26 1.87 8.21
C PHE B 112 -19.97 2.74 7.17
N ARG B 113 -19.97 2.33 5.90
CA ARG B 113 -20.68 3.10 4.87
C ARG B 113 -22.15 2.77 4.99
N GLU B 114 -22.41 1.56 5.49
CA GLU B 114 -23.74 1.01 5.69
C GLU B 114 -24.44 1.57 6.92
N GLU B 115 -23.66 2.00 7.92
CA GLU B 115 -24.24 2.55 9.13
C GLU B 115 -23.36 3.66 9.68
N PRO B 116 -23.40 4.85 9.06
CA PRO B 116 -22.62 6.02 9.46
C PRO B 116 -22.69 6.29 10.94
N GLY B 117 -21.54 6.59 11.52
CA GLY B 117 -21.47 6.88 12.94
C GLY B 117 -21.33 5.68 13.85
N CYS B 118 -21.75 4.52 13.39
CA CYS B 118 -21.67 3.30 14.20
C CYS B 118 -20.26 3.01 14.66
N CYS B 119 -20.13 2.11 15.63
CA CYS B 119 -18.83 1.78 16.16
C CYS B 119 -18.56 0.29 16.07
N ILE B 120 -17.30 -0.09 15.88
CA ILE B 120 -16.96 -1.50 15.80
C ILE B 120 -16.23 -1.97 17.06
N ALA B 121 -16.72 -3.03 17.67
CA ALA B 121 -16.12 -3.52 18.88
C ALA B 121 -15.11 -4.58 18.58
N VAL B 122 -13.84 -4.25 18.74
CA VAL B 122 -12.78 -5.23 18.51
C VAL B 122 -12.27 -5.47 19.90
N HIS B 123 -11.97 -6.71 20.25
CA HIS B 123 -11.46 -6.94 21.60
C HIS B 123 -10.75 -8.26 21.78
N SER B 124 -9.63 -8.23 22.49
CA SER B 124 -8.86 -9.43 22.77
C SER B 124 -9.12 -9.73 24.23
N VAL B 125 -8.19 -10.43 24.86
CA VAL B 125 -8.31 -10.76 26.27
C VAL B 125 -7.61 -9.64 27.01
N ALA B 126 -6.52 -9.18 26.41
CA ALA B 126 -5.71 -8.12 26.97
C ALA B 126 -6.13 -6.74 26.47
N GLY B 127 -6.51 -6.64 25.21
CA GLY B 127 -6.90 -5.36 24.70
C GLY B 127 -5.71 -4.61 24.09
N LEU B 128 -4.50 -5.06 24.37
CA LEU B 128 -3.33 -4.40 23.80
C LEU B 128 -2.44 -5.25 22.89
N GLY B 129 -2.92 -6.43 22.52
CA GLY B 129 -2.14 -7.28 21.65
C GLY B 129 -2.73 -7.38 20.26
N ARG B 130 -3.60 -8.37 20.06
CA ARG B 130 -4.25 -8.65 18.78
C ARG B 130 -5.26 -7.63 18.30
N ALA B 131 -6.22 -7.26 19.16
CA ALA B 131 -7.24 -6.30 18.79
C ALA B 131 -6.64 -4.99 18.25
N PRO B 132 -5.57 -4.49 18.88
CA PRO B 132 -4.97 -3.25 18.40
C PRO B 132 -4.45 -3.41 16.98
N VAL B 133 -3.76 -4.51 16.73
CA VAL B 133 -3.23 -4.75 15.41
C VAL B 133 -4.35 -4.65 14.40
N LEU B 134 -5.46 -5.32 14.71
CA LEU B 134 -6.60 -5.33 13.84
C LEU B 134 -6.97 -3.93 13.47
N VAL B 135 -7.03 -3.06 14.48
CA VAL B 135 -7.37 -1.66 14.29
C VAL B 135 -6.27 -0.99 13.50
N ALA B 136 -5.04 -1.15 13.97
CA ALA B 136 -3.90 -0.58 13.27
C ALA B 136 -4.10 -0.89 11.80
N LEU B 137 -4.50 -2.12 11.52
CA LEU B 137 -4.74 -2.56 10.17
C LEU B 137 -5.84 -1.76 9.51
N ALA B 138 -6.88 -1.44 10.27
CA ALA B 138 -7.99 -0.68 9.75
C ALA B 138 -7.64 0.78 9.54
N LEU B 139 -6.48 1.23 9.99
CA LEU B 139 -6.15 2.62 9.80
C LEU B 139 -5.15 2.67 8.72
N ILE B 140 -4.21 1.73 8.75
CA ILE B 140 -3.17 1.68 7.74
C ILE B 140 -3.83 1.58 6.38
N GLU B 141 -4.68 0.57 6.23
CA GLU B 141 -5.37 0.34 4.98
C GLU B 141 -6.26 1.52 4.67
N GLY B 142 -6.41 2.42 5.64
CA GLY B 142 -7.26 3.58 5.49
C GLY B 142 -6.53 4.87 5.22
N GLY B 143 -5.24 4.80 4.96
CA GLY B 143 -4.48 6.00 4.65
C GLY B 143 -3.42 6.41 5.64
N MET B 144 -3.03 5.51 6.53
CA MET B 144 -2.04 5.87 7.53
C MET B 144 -0.82 4.96 7.41
N LYS B 145 0.38 5.53 7.35
CA LYS B 145 1.58 4.69 7.28
C LYS B 145 1.58 3.93 8.60
N TYR B 146 2.17 2.74 8.63
CA TYR B 146 2.09 2.00 9.88
C TYR B 146 2.55 2.79 11.12
N GLU B 147 3.80 3.22 11.16
CA GLU B 147 4.30 3.97 12.31
C GLU B 147 3.27 4.97 12.81
N ASP B 148 2.41 5.47 11.93
CA ASP B 148 1.40 6.42 12.35
C ASP B 148 0.26 5.78 13.13
N ALA B 149 -0.24 4.64 12.66
CA ALA B 149 -1.33 3.98 13.38
C ALA B 149 -0.82 3.56 14.74
N VAL B 150 0.42 3.11 14.77
CA VAL B 150 1.03 2.69 16.01
C VAL B 150 0.96 3.85 17.02
N GLN B 151 1.44 5.02 16.62
CA GLN B 151 1.43 6.18 17.50
C GLN B 151 0.03 6.63 17.85
N PHE B 152 -0.90 6.45 16.91
CA PHE B 152 -2.27 6.88 17.18
C PHE B 152 -2.95 6.02 18.22
N ILE B 153 -2.78 4.72 18.09
CA ILE B 153 -3.37 3.73 19.00
C ILE B 153 -2.71 3.80 20.39
N ARG B 154 -1.43 4.16 20.43
CA ARG B 154 -0.74 4.27 21.72
C ARG B 154 -1.18 5.53 22.48
N GLN B 155 -1.90 6.42 21.81
CA GLN B 155 -2.40 7.65 22.41
C GLN B 155 -3.65 7.35 23.20
N LYS B 156 -4.55 6.59 22.60
CA LYS B 156 -5.80 6.21 23.24
C LYS B 156 -5.57 5.01 24.17
N ARG B 157 -4.65 4.14 23.79
CA ARG B 157 -4.37 2.98 24.63
C ARG B 157 -2.92 2.96 25.02
N ARG B 158 -2.66 3.48 26.22
CA ARG B 158 -1.33 3.58 26.81
C ARG B 158 -0.35 2.51 26.33
N GLY B 159 -0.62 1.26 26.70
CA GLY B 159 0.27 0.19 26.27
C GLY B 159 -0.34 -0.52 25.09
N ALA B 160 0.50 -1.04 24.19
CA ALA B 160 0.02 -1.74 23.00
C ALA B 160 1.14 -2.02 22.02
N PHE B 161 0.98 -3.07 21.24
CA PHE B 161 1.98 -3.44 20.24
C PHE B 161 3.28 -3.91 20.83
N ASN B 162 3.53 -5.21 20.73
CA ASN B 162 4.75 -5.78 21.26
C ASN B 162 5.73 -5.96 20.11
N SER B 163 7.01 -5.85 20.44
CA SER B 163 8.11 -6.00 19.49
C SER B 163 7.80 -6.82 18.24
N LYS B 164 7.13 -7.95 18.40
CA LYS B 164 6.81 -8.79 17.25
C LYS B 164 5.71 -8.17 16.39
N GLN B 165 4.60 -7.82 17.03
CA GLN B 165 3.46 -7.22 16.35
C GLN B 165 3.93 -5.99 15.59
N LEU B 166 4.73 -5.16 16.23
CA LEU B 166 5.24 -3.98 15.58
C LEU B 166 5.96 -4.37 14.28
N LEU B 167 6.84 -5.36 14.40
CA LEU B 167 7.60 -5.85 13.25
C LEU B 167 6.63 -6.37 12.19
N TYR B 168 5.51 -6.93 12.65
CA TYR B 168 4.48 -7.46 11.75
C TYR B 168 3.85 -6.34 10.99
N LEU B 169 3.46 -5.29 11.71
CA LEU B 169 2.86 -4.14 11.07
C LEU B 169 3.88 -3.48 10.13
N GLU B 170 5.12 -3.39 10.55
CA GLU B 170 6.11 -2.78 9.69
C GLU B 170 6.09 -3.43 8.32
N LYS B 171 5.90 -4.75 8.29
CA LYS B 171 5.90 -5.49 7.03
C LYS B 171 4.59 -5.57 6.25
N TYR B 172 3.48 -5.15 6.85
CA TYR B 172 2.20 -5.21 6.16
C TYR B 172 2.16 -4.29 4.95
N ARG B 173 1.76 -4.82 3.80
CA ARG B 173 1.67 -4.03 2.58
C ARG B 173 0.18 -3.78 2.35
N PRO B 174 -0.23 -2.52 2.23
CA PRO B 174 -1.65 -2.25 2.02
C PRO B 174 -2.08 -2.46 0.58
N LYS B 175 -3.36 -2.65 0.38
CA LYS B 175 -3.90 -2.85 -0.94
C LYS B 175 -4.33 -1.47 -1.38
N MET B 176 -4.87 -0.72 -0.42
CA MET B 176 -5.36 0.63 -0.61
C MET B 176 -6.71 0.67 -1.28
N ARG B 177 -7.31 -0.50 -1.42
CA ARG B 177 -8.62 -0.55 -2.04
C ARG B 177 -9.66 -0.14 -1.00
N LEU B 178 -9.70 1.16 -0.68
CA LEU B 178 -10.66 1.66 0.28
C LEU B 178 -11.05 3.08 -0.10
N ARG B 179 -12.23 3.24 -0.67
CA ARG B 179 -12.72 4.53 -1.10
C ARG B 179 -12.89 5.54 0.02
N PHE B 180 -12.45 6.78 -0.21
CA PHE B 180 -12.54 7.83 0.83
C PHE B 180 -12.99 9.20 0.37
S SO4 C . 6.81 -2.13 -24.75
O1 SO4 C . 5.51 -2.80 -25.55
O2 SO4 C . 7.97 -2.32 -25.64
O3 SO4 C . 6.59 -0.84 -24.49
O4 SO4 C . 6.93 -2.99 -23.58
S SO4 D . -3.87 -9.98 23.48
O1 SO4 D . -2.69 -10.36 24.56
O2 SO4 D . -4.94 -10.92 23.78
O3 SO4 D . -4.23 -8.71 23.62
O4 SO4 D . -3.26 -10.34 22.22
#